data_6U3W
#
_entry.id   6U3W
#
_cell.length_a   72.264
_cell.length_b   84.594
_cell.length_c   117.842
_cell.angle_alpha   90.000
_cell.angle_beta   90.000
_cell.angle_gamma   90.000
#
_symmetry.space_group_name_H-M   'P 21 21 21'
#
loop_
_entity.id
_entity.type
_entity.pdbx_description
1 polymer 'Coatomer subunit alpha'
2 polymer 'Coatomer subunit epsilon'
3 non-polymer GLYCEROL
4 water water
#
loop_
_entity_poly.entity_id
_entity_poly.type
_entity_poly.pdbx_seq_one_letter_code
_entity_poly.pdbx_strand_id
1 'polypeptide(L)'
;METAIWIKNSKLPAVLVAAGAFDAAVQALSKQVGVVKLEPLKKYFTNIYEGCRTYIPSTPCELPAQLGYVRAYDDTVSED
QILPYVPGLDVVNEKMNEGYKNFKLNKPDIAIECFREAIYRITLLMVDDAEDEKLAHKILETAREYILGLSIELERRSLK
EGNTVRMLELAAYFTKAKLSPIHRTNALQVAMSQHFKHKNFLQASYFAGEFLKIISSGPRAEQARKIKNKADSMASDAIP
IDFDPYAKFDICAATYKPIYEDTPSVSDPLTGSKYVITEKDKIDRIAMISKIGAPASGLRIRV
;
A
2 'polypeptide(L)'
;MGSSHHHHHHSQDPMDYFNIKQNYYTGNFVQCLQEIEKFSKVTDNTLLFYKAKTLLALGQYQSQDPTSKLGKVLDLYVQF
LDTKNIEELENLLKDKQNSPYELYLLATAQAILGDLDKSLETCVEGIDNDEAEGTTELLLLAIEVALLNNNVSTASTIFD
NYTNAIEDTVSGDNEMILNLAESYIKFATNKETATSNFYYYEELSQTFPTWKTQLGLLNLHLQQRNIAEAQGIVELLLSD
YYSVEQKENAVLYKPTFLANQITLALMQGLDTEDLTNQLVKLDHEHAFIKHHQEIDAKFDELVRKYDTSN
;
B
#
# COMPACT_ATOMS: atom_id res chain seq x y z
N MET A 1 -12.63 14.31 -3.52
CA MET A 1 -11.93 15.59 -3.70
C MET A 1 -10.47 15.48 -3.31
N GLU A 2 -10.14 14.46 -2.50
CA GLU A 2 -8.77 14.33 -1.98
C GLU A 2 -7.77 14.14 -3.11
N THR A 3 -8.08 13.20 -4.02
CA THR A 3 -7.20 12.88 -5.14
C THR A 3 -6.88 14.12 -5.97
N ALA A 4 -7.86 14.99 -6.22
CA ALA A 4 -7.61 16.18 -7.02
C ALA A 4 -6.81 17.23 -6.24
N ILE A 5 -6.98 17.28 -4.91
CA ILE A 5 -6.08 18.08 -4.09
C ILE A 5 -4.64 17.61 -4.29
N TRP A 6 -4.43 16.29 -4.15
CA TRP A 6 -3.10 15.70 -4.34
C TRP A 6 -2.49 16.12 -5.66
N ILE A 7 -3.22 15.90 -6.75
CA ILE A 7 -2.67 16.20 -8.06
C ILE A 7 -2.40 17.70 -8.22
N LYS A 8 -3.26 18.56 -7.66
CA LYS A 8 -3.00 19.99 -7.74
C LYS A 8 -1.74 20.38 -6.98
N ASN A 9 -1.41 19.65 -5.92
CA ASN A 9 -0.26 20.03 -5.09
C ASN A 9 1.07 19.47 -5.60
N SER A 10 1.06 18.38 -6.35
CA SER A 10 2.30 17.82 -6.84
C SER A 10 2.03 16.90 -8.01
N LYS A 11 2.85 17.02 -9.06
CA LYS A 11 2.81 16.12 -10.20
C LYS A 11 3.89 15.06 -10.14
N LEU A 12 4.50 14.84 -8.98
CA LEU A 12 5.47 13.75 -8.85
C LEU A 12 4.83 12.44 -9.26
N PRO A 13 5.56 11.57 -9.97
CA PRO A 13 5.00 10.24 -10.30
C PRO A 13 4.41 9.51 -9.10
N ALA A 14 5.04 9.60 -7.93
CA ALA A 14 4.47 8.97 -6.74
C ALA A 14 3.07 9.50 -6.45
N VAL A 15 2.88 10.81 -6.59
CA VAL A 15 1.60 11.42 -6.25
C VAL A 15 0.53 11.09 -7.28
N LEU A 16 0.90 11.16 -8.57
CA LEU A 16 0.04 10.70 -9.65
C LEU A 16 -0.41 9.25 -9.43
N VAL A 17 0.52 8.39 -9.02
CA VAL A 17 0.18 7.00 -8.78
C VAL A 17 -0.83 6.89 -7.64
N ALA A 18 -0.54 7.57 -6.53
CA ALA A 18 -1.45 7.57 -5.39
C ALA A 18 -2.83 8.06 -5.79
N ALA A 19 -2.90 9.07 -6.66
CA ALA A 19 -4.17 9.59 -7.11
C ALA A 19 -4.92 8.64 -8.05
N GLY A 20 -4.27 7.59 -8.55
CA GLY A 20 -4.88 6.77 -9.58
C GLY A 20 -4.61 7.25 -10.98
N ALA A 21 -3.81 8.30 -11.14
CA ALA A 21 -3.48 8.80 -12.46
C ALA A 21 -2.28 8.02 -13.01
N PHE A 22 -2.51 6.70 -13.19
CA PHE A 22 -1.47 5.78 -13.65
C PHE A 22 -0.90 6.22 -15.00
N ASP A 23 -1.78 6.68 -15.91
CA ASP A 23 -1.31 7.04 -17.24
C ASP A 23 -0.39 8.24 -17.20
N ALA A 24 -0.78 9.28 -16.45
CA ALA A 24 0.05 10.46 -16.34
C ALA A 24 1.38 10.14 -15.66
N ALA A 25 1.37 9.21 -14.70
CA ALA A 25 2.59 8.78 -14.02
C ALA A 25 3.53 8.04 -14.98
N VAL A 26 2.97 7.17 -15.82
CA VAL A 26 3.79 6.47 -16.80
C VAL A 26 4.40 7.46 -17.80
N GLN A 27 3.61 8.45 -18.24
CA GLN A 27 4.15 9.44 -19.17
C GLN A 27 5.26 10.26 -18.53
N ALA A 28 5.08 10.63 -17.25
CA ALA A 28 6.11 11.39 -16.54
C ALA A 28 7.38 10.55 -16.37
N LEU A 29 7.23 9.27 -16.05
CA LEU A 29 8.42 8.44 -15.91
C LEU A 29 9.13 8.28 -17.25
N SER A 30 8.37 8.24 -18.35
CA SER A 30 8.96 8.14 -19.66
C SER A 30 9.86 9.33 -19.96
N LYS A 31 9.35 10.53 -19.71
CA LYS A 31 10.16 11.73 -19.96
C LYS A 31 11.30 11.89 -18.97
N GLN A 32 11.12 11.45 -17.72
CA GLN A 32 12.07 11.80 -16.69
C GLN A 32 13.20 10.79 -16.55
N VAL A 33 12.90 9.50 -16.62
CA VAL A 33 13.95 8.51 -16.41
C VAL A 33 13.90 7.45 -17.50
N GLY A 34 13.23 7.77 -18.60
CA GLY A 34 13.27 6.90 -19.74
C GLY A 34 12.58 5.57 -19.55
N VAL A 35 11.61 5.48 -18.64
CA VAL A 35 10.94 4.22 -18.37
C VAL A 35 10.15 3.78 -19.59
N VAL A 36 10.23 2.48 -19.90
CA VAL A 36 9.73 1.95 -21.16
C VAL A 36 9.06 0.58 -20.95
N LYS A 37 9.56 -0.24 -20.02
CA LYS A 37 8.95 -1.53 -19.71
C LYS A 37 8.28 -1.41 -18.35
N LEU A 38 6.98 -1.68 -18.31
CA LEU A 38 6.18 -1.30 -17.16
C LEU A 38 5.99 -2.42 -16.16
N GLU A 39 5.93 -3.67 -16.63
CA GLU A 39 5.57 -4.80 -15.76
C GLU A 39 6.34 -4.82 -14.44
N PRO A 40 7.67 -4.67 -14.40
CA PRO A 40 8.37 -4.72 -13.10
C PRO A 40 7.92 -3.64 -12.10
N LEU A 41 7.19 -2.60 -12.54
CA LEU A 41 6.70 -1.55 -11.64
C LEU A 41 5.28 -1.79 -11.16
N LYS A 42 4.56 -2.77 -11.70
CA LYS A 42 3.15 -2.93 -11.36
C LYS A 42 2.95 -2.94 -9.84
N LYS A 43 3.61 -3.87 -9.17
CA LYS A 43 3.48 -4.01 -7.72
C LYS A 43 3.70 -2.67 -7.02
N TYR A 44 4.70 -1.92 -7.48
CA TYR A 44 5.03 -0.66 -6.80
C TYR A 44 3.92 0.37 -7.00
N PHE A 45 3.39 0.50 -8.23
CA PHE A 45 2.19 1.32 -8.42
C PHE A 45 1.11 0.89 -7.45
N THR A 46 0.85 -0.43 -7.44
CA THR A 46 -0.16 -0.99 -6.56
C THR A 46 0.14 -0.64 -5.11
N ASN A 47 1.39 -0.87 -4.68
CA ASN A 47 1.74 -0.64 -3.28
C ASN A 47 1.43 0.79 -2.89
N ILE A 48 1.73 1.75 -3.77
CA ILE A 48 1.53 3.15 -3.41
C ILE A 48 0.05 3.44 -3.26
N TYR A 49 -0.75 2.99 -4.25
CA TYR A 49 -2.16 3.34 -4.27
C TYR A 49 -2.89 2.77 -3.06
N GLU A 50 -2.57 1.53 -2.69
CA GLU A 50 -3.23 0.93 -1.55
C GLU A 50 -2.58 1.33 -0.23
N GLY A 51 -1.36 1.87 -0.26
CA GLY A 51 -0.72 2.23 0.99
C GLY A 51 -1.25 3.50 1.63
N CYS A 52 -1.90 4.38 0.85
CA CYS A 52 -2.43 5.62 1.38
C CYS A 52 -3.95 5.60 1.52
N ARG A 53 -4.56 4.42 1.63
CA ARG A 53 -5.99 4.21 1.67
C ARG A 53 -6.32 3.22 2.79
N THR A 54 -7.43 3.45 3.48
CA THR A 54 -7.86 2.52 4.53
C THR A 54 -9.38 2.51 4.59
N TYR A 55 -9.95 1.47 5.18
CA TYR A 55 -11.39 1.19 5.07
C TYR A 55 -12.01 1.00 6.44
N ILE A 56 -13.04 1.79 6.73
CA ILE A 56 -13.76 1.79 8.01
C ILE A 56 -15.12 1.12 7.80
N PRO A 57 -15.62 0.33 8.75
CA PRO A 57 -16.92 -0.31 8.54
C PRO A 57 -18.06 0.70 8.50
N SER A 58 -19.04 0.44 7.65
CA SER A 58 -20.24 1.25 7.54
C SER A 58 -21.32 0.71 8.48
N THR A 59 -22.42 1.47 8.58
CA THR A 59 -23.55 1.15 9.44
C THR A 59 -24.80 1.10 8.57
N PRO A 60 -25.30 -0.09 8.21
CA PRO A 60 -24.87 -1.43 8.59
C PRO A 60 -23.68 -1.96 7.81
N CYS A 61 -23.22 -3.12 8.26
CA CYS A 61 -22.01 -3.75 7.71
C CYS A 61 -22.21 -4.23 6.26
N GLU A 62 -23.44 -4.59 5.86
CA GLU A 62 -23.74 -4.89 4.47
C GLU A 62 -23.40 -3.75 3.52
N LEU A 63 -23.45 -2.52 3.99
CA LEU A 63 -23.09 -1.40 3.14
C LEU A 63 -21.59 -1.46 2.87
N PRO A 64 -21.14 -1.15 1.66
CA PRO A 64 -19.70 -1.14 1.39
C PRO A 64 -18.97 -0.28 2.42
N ALA A 65 -17.82 -0.77 2.88
CA ALA A 65 -16.99 -0.02 3.82
C ALA A 65 -16.58 1.33 3.20
N GLN A 66 -16.31 2.30 4.07
CA GLN A 66 -16.03 3.66 3.63
C GLN A 66 -14.52 3.90 3.54
N LEU A 67 -14.11 4.63 2.50
CA LEU A 67 -12.71 4.88 2.17
C LEU A 67 -12.22 6.16 2.84
N GLY A 68 -11.08 6.07 3.53
CA GLY A 68 -10.38 7.23 4.03
C GLY A 68 -8.94 7.20 3.54
N TYR A 69 -8.27 8.34 3.69
CA TYR A 69 -6.94 8.52 3.11
C TYR A 69 -5.92 8.75 4.20
N VAL A 70 -4.73 8.19 4.00
CA VAL A 70 -3.58 8.50 4.84
C VAL A 70 -2.75 9.56 4.13
N ARG A 71 -2.61 10.70 4.79
CA ARG A 71 -1.87 11.81 4.22
C ARG A 71 -0.40 11.74 4.62
N ALA A 72 0.40 12.58 3.97
CA ALA A 72 1.82 12.61 4.23
C ALA A 72 2.13 13.29 5.56
N TYR A 73 1.41 14.37 5.88
CA TYR A 73 1.67 15.17 7.07
C TYR A 73 0.42 15.28 7.93
N ASP A 74 0.60 15.69 9.19
CA ASP A 74 -0.57 16.03 9.99
C ASP A 74 -1.11 17.39 9.54
N ASP A 75 -2.22 17.82 10.17
CA ASP A 75 -2.97 18.97 9.69
C ASP A 75 -2.28 20.31 9.91
N THR A 76 -1.13 20.35 10.59
CA THR A 76 -0.45 21.61 10.88
C THR A 76 0.30 22.19 9.69
N VAL A 77 0.22 21.59 8.50
CA VAL A 77 0.90 22.11 7.33
C VAL A 77 -0.12 22.82 6.45
N SER A 78 0.36 23.71 5.58
CA SER A 78 -0.51 24.50 4.71
C SER A 78 -1.27 23.58 3.75
N GLU A 79 -2.32 24.15 3.13
CA GLU A 79 -3.21 23.36 2.28
C GLU A 79 -2.50 22.87 1.02
N ASP A 80 -1.46 23.56 0.57
CA ASP A 80 -0.76 23.09 -0.62
C ASP A 80 0.23 21.97 -0.31
N GLN A 81 0.30 21.51 0.94
CA GLN A 81 1.05 20.33 1.32
C GLN A 81 0.15 19.15 1.70
N ILE A 82 -1.12 19.18 1.29
CA ILE A 82 -2.01 18.04 1.45
C ILE A 82 -1.61 17.02 0.39
N LEU A 83 -0.96 15.95 0.82
CA LEU A 83 -0.24 15.02 -0.05
C LEU A 83 -0.42 13.59 0.45
N PRO A 84 -0.35 12.60 -0.43
CA PRO A 84 -0.54 11.22 0.02
C PRO A 84 0.63 10.74 0.86
N TYR A 85 0.35 9.80 1.76
CA TYR A 85 1.43 9.13 2.47
C TYR A 85 2.11 8.13 1.53
N VAL A 86 3.42 8.28 1.33
CA VAL A 86 4.20 7.38 0.50
C VAL A 86 5.38 6.88 1.32
N PRO A 87 5.52 5.56 1.51
CA PRO A 87 6.66 5.04 2.28
C PRO A 87 7.99 5.55 1.74
N GLY A 88 8.93 5.79 2.65
CA GLY A 88 10.09 6.61 2.34
C GLY A 88 11.41 5.87 2.35
N LEU A 89 12.47 6.60 2.69
CA LEU A 89 13.81 6.04 2.63
C LEU A 89 14.07 4.96 3.67
N ASP A 90 13.33 4.93 4.78
CA ASP A 90 13.65 3.92 5.79
C ASP A 90 13.31 2.51 5.29
N VAL A 91 12.21 2.37 4.54
CA VAL A 91 11.93 1.08 3.92
C VAL A 91 12.98 0.77 2.83
N VAL A 92 13.39 1.80 2.08
CA VAL A 92 14.42 1.60 1.06
C VAL A 92 15.68 1.04 1.69
N ASN A 93 16.10 1.63 2.82
CA ASN A 93 17.26 1.14 3.56
C ASN A 93 17.07 -0.28 4.05
N GLU A 94 15.84 -0.64 4.45
CA GLU A 94 15.58 -2.02 4.84
C GLU A 94 15.83 -2.97 3.68
N LYS A 95 15.31 -2.64 2.50
CA LYS A 95 15.53 -3.45 1.32
C LYS A 95 17.01 -3.56 0.99
N MET A 96 17.74 -2.44 1.08
CA MET A 96 19.19 -2.50 0.87
C MET A 96 19.87 -3.41 1.90
N ASN A 97 19.43 -3.36 3.16
CA ASN A 97 20.06 -4.19 4.18
C ASN A 97 19.79 -5.66 3.93
N GLU A 98 18.57 -5.99 3.48
CA GLU A 98 18.31 -7.37 3.08
C GLU A 98 19.19 -7.75 1.91
N GLY A 99 19.49 -6.79 1.03
CA GLY A 99 20.40 -7.08 -0.08
C GLY A 99 21.78 -7.43 0.42
N TYR A 100 22.29 -6.63 1.36
CA TYR A 100 23.60 -6.87 1.94
C TYR A 100 23.64 -8.20 2.69
N LYS A 101 22.57 -8.52 3.40
CA LYS A 101 22.48 -9.80 4.10
C LYS A 101 22.56 -10.95 3.12
N ASN A 102 21.79 -10.89 2.03
CA ASN A 102 21.87 -11.97 1.07
C ASN A 102 23.21 -12.00 0.31
N PHE A 103 23.87 -10.84 0.21
CA PHE A 103 25.21 -10.79 -0.37
C PHE A 103 26.21 -11.56 0.48
N LYS A 104 26.20 -11.30 1.80
CA LYS A 104 27.13 -11.98 2.70
C LYS A 104 26.87 -13.49 2.76
N LEU A 105 25.60 -13.89 2.70
CA LEU A 105 25.23 -15.30 2.67
C LEU A 105 25.40 -15.95 1.31
N ASN A 106 26.00 -15.26 0.35
CA ASN A 106 26.26 -15.82 -0.97
C ASN A 106 24.96 -16.30 -1.63
N LYS A 107 23.93 -15.45 -1.57
CA LYS A 107 22.68 -15.67 -2.31
C LYS A 107 22.52 -14.51 -3.27
N PRO A 108 23.24 -14.53 -4.40
CA PRO A 108 23.32 -13.32 -5.24
C PRO A 108 22.04 -12.98 -5.99
N ASP A 109 21.29 -13.99 -6.45
CA ASP A 109 20.00 -13.72 -7.09
C ASP A 109 19.05 -13.01 -6.15
N ILE A 110 19.00 -13.45 -4.90
CA ILE A 110 18.07 -12.82 -3.96
C ILE A 110 18.56 -11.42 -3.59
N ALA A 111 19.88 -11.27 -3.43
CA ALA A 111 20.44 -9.93 -3.23
C ALA A 111 20.04 -9.00 -4.36
N ILE A 112 20.16 -9.47 -5.61
CA ILE A 112 19.78 -8.67 -6.77
C ILE A 112 18.31 -8.27 -6.69
N GLU A 113 17.44 -9.21 -6.33
CA GLU A 113 16.02 -8.87 -6.15
C GLU A 113 15.86 -7.74 -5.13
N CYS A 114 16.60 -7.80 -4.02
CA CYS A 114 16.48 -6.76 -3.00
C CYS A 114 16.95 -5.40 -3.52
N PHE A 115 18.08 -5.38 -4.24
CA PHE A 115 18.62 -4.11 -4.74
C PHE A 115 17.71 -3.55 -5.82
N ARG A 116 17.13 -4.43 -6.64
CA ARG A 116 16.18 -3.98 -7.64
C ARG A 116 14.94 -3.39 -6.98
N GLU A 117 14.45 -4.04 -5.93
CA GLU A 117 13.29 -3.48 -5.24
C GLU A 117 13.61 -2.10 -4.69
N ALA A 118 14.79 -1.91 -4.10
CA ALA A 118 15.08 -0.59 -3.58
C ALA A 118 15.15 0.45 -4.70
N ILE A 119 15.66 0.04 -5.87
CA ILE A 119 15.67 0.94 -7.03
C ILE A 119 14.25 1.31 -7.45
N TYR A 120 13.34 0.33 -7.52
CA TYR A 120 11.97 0.61 -7.92
C TYR A 120 11.28 1.53 -6.91
N ARG A 121 11.54 1.32 -5.62
CA ARG A 121 10.98 2.22 -4.59
C ARG A 121 11.53 3.64 -4.73
N ILE A 122 12.81 3.78 -5.07
CA ILE A 122 13.39 5.13 -5.22
C ILE A 122 12.80 5.82 -6.45
N THR A 123 12.55 5.06 -7.51
CA THR A 123 11.94 5.62 -8.71
C THR A 123 10.60 6.28 -8.42
N LEU A 124 9.89 5.80 -7.41
CA LEU A 124 8.60 6.35 -7.00
C LEU A 124 8.67 6.91 -5.58
N LEU A 125 9.74 7.64 -5.26
CA LEU A 125 9.81 8.25 -3.93
C LEU A 125 9.11 9.60 -3.91
N MET A 126 8.76 10.05 -2.70
CA MET A 126 8.38 11.43 -2.44
C MET A 126 9.16 11.92 -1.23
N VAL A 127 10.16 12.77 -1.45
CA VAL A 127 10.86 13.44 -0.37
C VAL A 127 10.55 14.94 -0.42
N ASP A 128 10.86 15.64 0.67
CA ASP A 128 10.54 17.05 0.83
C ASP A 128 11.77 17.83 1.28
N ASP A 129 12.93 17.48 0.75
CA ASP A 129 14.18 17.66 1.46
C ASP A 129 15.37 17.48 0.52
N ALA A 130 16.32 18.43 0.51
CA ALA A 130 17.47 18.30 -0.39
C ALA A 130 18.39 17.15 0.04
N GLU A 131 18.55 16.97 1.36
CA GLU A 131 19.40 15.90 1.87
C GLU A 131 18.81 14.52 1.58
N ASP A 132 17.49 14.36 1.74
CA ASP A 132 16.88 13.07 1.40
C ASP A 132 16.95 12.80 -0.09
N GLU A 133 16.89 13.85 -0.91
CA GLU A 133 17.00 13.67 -2.35
C GLU A 133 18.39 13.18 -2.74
N LYS A 134 19.43 13.82 -2.20
CA LYS A 134 20.78 13.36 -2.44
C LYS A 134 20.99 11.95 -1.92
N LEU A 135 20.46 11.66 -0.73
CA LEU A 135 20.62 10.31 -0.19
C LEU A 135 19.95 9.29 -1.09
N ALA A 136 18.78 9.63 -1.65
CA ALA A 136 18.08 8.72 -2.54
C ALA A 136 18.91 8.43 -3.80
N HIS A 137 19.55 9.47 -4.33
CA HIS A 137 20.39 9.25 -5.51
C HIS A 137 21.59 8.39 -5.19
N LYS A 138 22.23 8.62 -4.05
CA LYS A 138 23.39 7.82 -3.71
C LYS A 138 23.00 6.35 -3.47
N ILE A 139 21.85 6.10 -2.83
CA ILE A 139 21.45 4.72 -2.66
C ILE A 139 21.15 4.08 -4.00
N LEU A 140 20.53 4.82 -4.90
CA LEU A 140 20.20 4.28 -6.20
C LEU A 140 21.47 3.84 -6.93
N GLU A 141 22.51 4.68 -6.89
CA GLU A 141 23.77 4.35 -7.54
C GLU A 141 24.45 3.17 -6.88
N THR A 142 24.36 3.08 -5.54
CA THR A 142 24.93 1.95 -4.81
C THR A 142 24.26 0.65 -5.24
N ALA A 143 22.92 0.62 -5.22
CA ALA A 143 22.21 -0.58 -5.63
C ALA A 143 22.58 -0.97 -7.05
N ARG A 144 22.76 0.02 -7.93
CA ARG A 144 23.19 -0.34 -9.27
C ARG A 144 24.58 -0.99 -9.25
N GLU A 145 25.51 -0.46 -8.46
CA GLU A 145 26.85 -1.02 -8.43
C GLU A 145 26.84 -2.46 -7.88
N TYR A 146 25.98 -2.73 -6.89
CA TYR A 146 25.86 -4.09 -6.36
C TYR A 146 25.23 -5.03 -7.39
N ILE A 147 24.20 -4.58 -8.10
CA ILE A 147 23.62 -5.41 -9.13
C ILE A 147 24.64 -5.69 -10.23
N LEU A 148 25.38 -4.66 -10.64
CA LEU A 148 26.37 -4.85 -11.70
C LEU A 148 27.44 -5.87 -11.29
N GLY A 149 28.04 -5.69 -10.12
CA GLY A 149 29.05 -6.64 -9.65
C GLY A 149 28.50 -8.05 -9.53
N LEU A 150 27.32 -8.20 -8.92
CA LEU A 150 26.70 -9.53 -8.79
C LEU A 150 26.42 -10.15 -10.16
N SER A 151 26.04 -9.34 -11.14
CA SER A 151 25.75 -9.88 -12.46
C SER A 151 27.02 -10.29 -13.18
N ILE A 152 28.10 -9.54 -12.97
CA ILE A 152 29.40 -9.97 -13.49
C ILE A 152 29.78 -11.31 -12.88
N GLU A 153 29.59 -11.47 -11.58
CA GLU A 153 29.99 -12.71 -10.94
C GLU A 153 29.10 -13.88 -11.38
N LEU A 154 27.79 -13.64 -11.54
CA LEU A 154 26.90 -14.69 -12.02
C LEU A 154 27.26 -15.12 -13.43
N GLU A 155 27.65 -14.16 -14.27
CA GLU A 155 28.15 -14.51 -15.60
C GLU A 155 29.40 -15.36 -15.49
N ARG A 156 30.36 -14.91 -14.67
CA ARG A 156 31.58 -15.68 -14.47
C ARG A 156 31.26 -17.12 -14.09
N ARG A 157 30.34 -17.31 -13.13
CA ARG A 157 30.01 -18.65 -12.64
C ARG A 157 29.37 -19.48 -13.74
N SER A 158 28.56 -18.86 -14.59
CA SER A 158 27.85 -19.57 -15.63
C SER A 158 28.77 -20.14 -16.71
N LEU A 159 30.07 -19.85 -16.63
CA LEU A 159 30.95 -20.09 -17.77
C LEU A 159 31.40 -21.55 -17.85
N LYS A 160 31.56 -22.02 -19.09
CA LYS A 160 32.14 -23.32 -19.36
C LYS A 160 33.66 -23.27 -19.19
N GLU A 161 34.20 -24.20 -18.39
CA GLU A 161 35.64 -24.30 -18.24
C GLU A 161 36.30 -24.52 -19.60
N GLY A 162 37.29 -23.68 -19.89
CA GLY A 162 37.79 -23.48 -21.24
C GLY A 162 37.65 -22.05 -21.73
N ASN A 163 36.71 -21.30 -21.17
CA ASN A 163 36.63 -19.83 -21.31
C ASN A 163 37.47 -19.15 -20.23
N THR A 164 38.74 -19.52 -20.14
CA THR A 164 39.56 -19.11 -19.01
C THR A 164 39.87 -17.62 -19.05
N VAL A 165 40.18 -17.07 -20.24
CA VAL A 165 40.44 -15.64 -20.38
C VAL A 165 39.20 -14.83 -20.03
N ARG A 166 38.04 -15.20 -20.60
CA ARG A 166 36.81 -14.50 -20.25
C ARG A 166 36.53 -14.59 -18.76
N MET A 167 36.81 -15.74 -18.15
CA MET A 167 36.53 -15.95 -16.74
C MET A 167 37.41 -15.06 -15.86
N LEU A 168 38.69 -14.99 -16.20
CA LEU A 168 39.62 -14.16 -15.42
C LEU A 168 39.32 -12.68 -15.62
N GLU A 169 38.92 -12.28 -16.83
CA GLU A 169 38.49 -10.91 -17.06
C GLU A 169 37.29 -10.57 -16.17
N LEU A 170 36.29 -11.47 -16.11
CA LEU A 170 35.13 -11.18 -15.28
C LEU A 170 35.49 -11.11 -13.81
N ALA A 171 36.32 -12.05 -13.34
CA ALA A 171 36.80 -12.00 -11.97
C ALA A 171 37.46 -10.65 -11.67
N ALA A 172 38.22 -10.13 -12.63
CA ALA A 172 38.85 -8.84 -12.43
C ALA A 172 37.83 -7.71 -12.43
N TYR A 173 36.89 -7.72 -13.38
CA TYR A 173 35.95 -6.60 -13.50
C TYR A 173 35.01 -6.53 -12.31
N PHE A 174 34.71 -7.68 -11.69
CA PHE A 174 33.96 -7.72 -10.44
C PHE A 174 34.58 -6.81 -9.38
N THR A 175 35.91 -6.75 -9.32
CA THR A 175 36.56 -5.85 -8.36
C THR A 175 36.32 -4.38 -8.68
N LYS A 176 35.80 -4.04 -9.85
CA LYS A 176 35.58 -2.66 -10.22
C LYS A 176 34.25 -2.11 -9.70
N ALA A 177 33.33 -2.99 -9.30
CA ALA A 177 32.06 -2.54 -8.74
C ALA A 177 32.30 -1.79 -7.43
N LYS A 178 31.58 -0.68 -7.26
CA LYS A 178 31.80 0.21 -6.12
C LYS A 178 30.94 -0.24 -4.93
N LEU A 179 31.29 -1.41 -4.41
CA LEU A 179 30.70 -1.92 -3.20
C LEU A 179 31.36 -1.25 -2.00
N SER A 180 30.78 -1.46 -0.82
CA SER A 180 31.48 -1.09 0.40
C SER A 180 32.80 -1.87 0.48
N PRO A 181 33.82 -1.33 1.15
CA PRO A 181 35.11 -2.05 1.20
C PRO A 181 34.99 -3.49 1.67
N ILE A 182 34.23 -3.72 2.74
CA ILE A 182 34.11 -5.09 3.25
C ILE A 182 33.48 -5.99 2.21
N HIS A 183 32.60 -5.44 1.37
CA HIS A 183 32.02 -6.25 0.32
C HIS A 183 32.94 -6.38 -0.88
N ARG A 184 33.70 -5.32 -1.21
CA ARG A 184 34.70 -5.43 -2.27
C ARG A 184 35.68 -6.54 -1.97
N THR A 185 35.89 -6.81 -0.67
CA THR A 185 36.72 -7.92 -0.22
C THR A 185 36.31 -9.26 -0.86
N ASN A 186 35.01 -9.55 -0.96
CA ASN A 186 34.56 -10.77 -1.63
C ASN A 186 35.05 -10.83 -3.07
N ALA A 187 34.90 -9.73 -3.81
CA ALA A 187 35.32 -9.71 -5.19
C ALA A 187 36.83 -9.84 -5.30
N LEU A 188 37.57 -9.16 -4.42
CA LEU A 188 39.02 -9.22 -4.47
C LEU A 188 39.51 -10.63 -4.19
N GLN A 189 38.85 -11.32 -3.26
CA GLN A 189 39.20 -12.69 -2.91
C GLN A 189 38.99 -13.62 -4.11
N VAL A 190 37.83 -13.51 -4.77
CA VAL A 190 37.59 -14.26 -6.01
C VAL A 190 38.70 -13.99 -7.03
N ALA A 191 38.97 -12.71 -7.29
CA ALA A 191 39.89 -12.37 -8.38
C ALA A 191 41.29 -12.86 -8.07
N MET A 192 41.77 -12.58 -6.85
CA MET A 192 43.07 -13.04 -6.37
C MET A 192 43.23 -14.54 -6.55
N SER A 193 42.28 -15.32 -6.04
CA SER A 193 42.58 -16.75 -6.02
C SER A 193 42.35 -17.38 -7.39
N GLN A 194 41.45 -16.83 -8.21
CA GLN A 194 41.29 -17.35 -9.55
C GLN A 194 42.51 -17.04 -10.40
N HIS A 195 43.03 -15.80 -10.30
CA HIS A 195 44.23 -15.49 -11.08
C HIS A 195 45.44 -16.28 -10.56
N PHE A 196 45.51 -16.51 -9.25
CA PHE A 196 46.61 -17.31 -8.71
C PHE A 196 46.55 -18.74 -9.21
N LYS A 197 45.38 -19.38 -9.07
CA LYS A 197 45.13 -20.70 -9.63
C LYS A 197 45.58 -20.82 -11.08
N HIS A 198 45.30 -19.81 -11.91
CA HIS A 198 45.63 -19.90 -13.33
C HIS A 198 46.96 -19.24 -13.68
N LYS A 199 47.87 -19.16 -12.72
CA LYS A 199 49.26 -18.76 -12.96
C LYS A 199 49.37 -17.30 -13.36
N ASN A 200 48.42 -16.47 -12.93
CA ASN A 200 48.50 -15.04 -13.16
C ASN A 200 48.96 -14.40 -11.86
N PHE A 201 50.27 -14.47 -11.64
CA PHE A 201 50.84 -14.07 -10.37
C PHE A 201 50.91 -12.55 -10.21
N LEU A 202 51.17 -11.81 -11.29
CA LEU A 202 51.14 -10.35 -11.17
C LEU A 202 49.74 -9.87 -10.80
N GLN A 203 48.73 -10.39 -11.49
CA GLN A 203 47.35 -10.06 -11.15
C GLN A 203 47.04 -10.43 -9.71
N ALA A 204 47.37 -11.68 -9.34
CA ALA A 204 47.10 -12.17 -7.99
C ALA A 204 47.72 -11.26 -6.95
N SER A 205 48.95 -10.79 -7.18
CA SER A 205 49.58 -9.92 -6.21
C SER A 205 48.85 -8.59 -6.10
N TYR A 206 48.40 -8.04 -7.22
CA TYR A 206 47.62 -6.80 -7.12
C TYR A 206 46.35 -7.01 -6.29
N PHE A 207 45.59 -8.07 -6.60
CA PHE A 207 44.32 -8.30 -5.90
C PHE A 207 44.56 -8.58 -4.43
N ALA A 208 45.62 -9.33 -4.11
CA ALA A 208 45.95 -9.60 -2.70
C ALA A 208 46.32 -8.32 -1.97
N GLY A 209 47.11 -7.44 -2.60
CA GLY A 209 47.45 -6.19 -1.96
C GLY A 209 46.22 -5.33 -1.69
N GLU A 210 45.34 -5.23 -2.69
CA GLU A 210 44.10 -4.49 -2.47
C GLU A 210 43.27 -5.11 -1.36
N PHE A 211 43.23 -6.44 -1.29
CA PHE A 211 42.54 -7.09 -0.19
C PHE A 211 43.14 -6.67 1.16
N LEU A 212 44.46 -6.74 1.27
CA LEU A 212 45.11 -6.52 2.55
C LEU A 212 44.99 -5.07 3.05
N LYS A 213 44.70 -4.12 2.18
CA LYS A 213 44.53 -2.77 2.70
C LYS A 213 43.11 -2.50 3.18
N ILE A 214 42.23 -3.49 3.13
CA ILE A 214 40.92 -3.43 3.76
C ILE A 214 40.83 -4.36 4.96
N ILE A 215 41.30 -5.60 4.80
CA ILE A 215 41.32 -6.60 5.88
C ILE A 215 42.78 -6.98 6.12
N SER A 216 43.26 -6.73 7.33
CA SER A 216 44.67 -6.93 7.63
C SER A 216 44.94 -8.09 8.59
N SER A 217 43.93 -8.54 9.33
CA SER A 217 44.08 -9.66 10.26
C SER A 217 42.98 -10.68 10.02
N GLY A 218 43.12 -11.84 10.67
CA GLY A 218 42.23 -12.94 10.45
C GLY A 218 42.81 -13.91 9.44
N PRO A 219 42.13 -15.04 9.23
CA PRO A 219 42.72 -16.09 8.37
C PRO A 219 42.68 -15.76 6.89
N ARG A 220 41.70 -14.97 6.42
CA ARG A 220 41.71 -14.57 5.02
C ARG A 220 42.85 -13.58 4.74
N ALA A 221 43.16 -12.70 5.69
CA ALA A 221 44.29 -11.80 5.49
C ALA A 221 45.58 -12.57 5.38
N GLU A 222 45.71 -13.68 6.13
CA GLU A 222 46.93 -14.46 6.11
C GLU A 222 47.03 -15.29 4.85
N GLN A 223 45.89 -15.84 4.41
CA GLN A 223 45.85 -16.48 3.10
C GLN A 223 46.27 -15.49 2.02
N ALA A 224 45.74 -14.27 2.08
CA ALA A 224 46.09 -13.25 1.09
C ALA A 224 47.58 -12.93 1.13
N ARG A 225 48.15 -12.85 2.33
CA ARG A 225 49.57 -12.53 2.45
C ARG A 225 50.45 -13.64 1.88
N LYS A 226 50.12 -14.90 2.16
CA LYS A 226 50.95 -15.97 1.60
C LYS A 226 50.76 -16.07 0.09
N ILE A 227 49.54 -15.86 -0.41
CA ILE A 227 49.32 -15.79 -1.85
C ILE A 227 50.16 -14.68 -2.47
N LYS A 228 50.17 -13.50 -1.84
CA LYS A 228 50.95 -12.38 -2.35
C LYS A 228 52.45 -12.67 -2.31
N ASN A 229 52.93 -13.30 -1.25
CA ASN A 229 54.36 -13.64 -1.18
C ASN A 229 54.76 -14.56 -2.31
N LYS A 230 54.01 -15.65 -2.50
CA LYS A 230 54.32 -16.56 -3.60
C LYS A 230 54.27 -15.84 -4.93
N ALA A 231 53.19 -15.07 -5.15
CA ALA A 231 52.97 -14.40 -6.44
C ALA A 231 54.06 -13.38 -6.72
N ASP A 232 54.50 -12.64 -5.69
CA ASP A 232 55.60 -11.71 -5.88
C ASP A 232 56.88 -12.47 -6.22
N SER A 233 57.05 -13.68 -5.68
CA SER A 233 58.22 -14.47 -6.03
C SER A 233 58.17 -14.94 -7.48
N MET A 234 56.98 -15.31 -7.99
CA MET A 234 56.87 -15.76 -9.38
C MET A 234 57.01 -14.58 -10.35
N ALA A 235 56.31 -13.48 -10.08
CA ALA A 235 56.34 -12.24 -10.87
C ALA A 235 56.08 -12.48 -12.36
N SER A 236 55.06 -13.27 -12.67
CA SER A 236 54.70 -13.55 -14.05
C SER A 236 53.20 -13.75 -14.22
N ASP A 237 52.72 -13.52 -15.44
CA ASP A 237 51.34 -13.78 -15.82
C ASP A 237 51.33 -14.76 -17.00
N ALA A 238 50.70 -15.92 -16.82
CA ALA A 238 50.58 -16.87 -17.93
C ALA A 238 49.56 -16.39 -18.96
N ILE A 239 48.52 -15.69 -18.53
CA ILE A 239 47.36 -15.38 -19.38
C ILE A 239 47.11 -13.88 -19.34
N PRO A 240 47.48 -13.11 -20.36
CA PRO A 240 47.18 -11.67 -20.36
C PRO A 240 45.68 -11.44 -20.54
N ILE A 241 45.15 -10.43 -19.82
CA ILE A 241 43.74 -10.08 -19.88
C ILE A 241 43.62 -8.57 -20.03
N ASP A 242 42.51 -8.14 -20.65
CA ASP A 242 42.22 -6.72 -20.83
C ASP A 242 41.80 -6.07 -19.52
N PHE A 243 42.76 -5.56 -18.75
CA PHE A 243 42.49 -4.99 -17.44
C PHE A 243 43.67 -4.18 -16.94
N ASP A 244 43.50 -2.88 -16.77
CA ASP A 244 44.53 -2.03 -16.17
C ASP A 244 43.94 -1.39 -14.93
N PRO A 245 44.30 -1.88 -13.74
CA PRO A 245 43.67 -1.36 -12.51
C PRO A 245 43.87 0.13 -12.30
N TYR A 246 44.90 0.73 -12.87
CA TYR A 246 45.14 2.14 -12.61
C TYR A 246 44.51 3.06 -13.63
N ALA A 247 44.01 2.53 -14.74
CA ALA A 247 43.30 3.36 -15.71
C ALA A 247 41.91 3.74 -15.19
N LYS A 248 41.30 4.70 -15.86
CA LYS A 248 39.94 5.14 -15.54
C LYS A 248 38.98 4.53 -16.55
N PHE A 249 38.08 3.69 -16.08
CA PHE A 249 37.11 3.05 -16.95
C PHE A 249 35.91 2.63 -16.12
N ASP A 250 34.82 2.32 -16.83
CA ASP A 250 33.63 1.70 -16.27
C ASP A 250 33.45 0.31 -16.89
N ILE A 251 32.49 -0.46 -16.39
CA ILE A 251 32.22 -1.78 -16.96
C ILE A 251 30.86 -1.73 -17.66
N CYS A 252 30.82 -2.21 -18.90
CA CYS A 252 29.56 -2.26 -19.64
C CYS A 252 28.57 -3.18 -18.96
N ALA A 253 27.42 -2.62 -18.55
CA ALA A 253 26.45 -3.44 -17.82
C ALA A 253 25.74 -4.46 -18.69
N ALA A 254 26.05 -4.56 -19.98
CA ALA A 254 25.50 -5.59 -20.86
C ALA A 254 26.54 -6.62 -21.32
N THR A 255 27.73 -6.15 -21.76
CA THR A 255 28.78 -7.03 -22.29
C THR A 255 29.94 -7.24 -21.32
N TYR A 256 29.98 -6.52 -20.20
CA TYR A 256 31.01 -6.66 -19.17
C TYR A 256 32.42 -6.54 -19.77
N LYS A 257 32.65 -5.38 -20.39
CA LYS A 257 33.94 -5.03 -20.95
C LYS A 257 34.29 -3.64 -20.48
N PRO A 258 35.57 -3.30 -20.38
CA PRO A 258 35.92 -1.96 -19.90
C PRO A 258 35.54 -0.90 -20.92
N ILE A 259 35.01 0.20 -20.42
CA ILE A 259 34.68 1.39 -21.21
C ILE A 259 35.62 2.48 -20.72
N TYR A 260 36.59 2.86 -21.55
CA TYR A 260 37.52 3.92 -21.18
C TYR A 260 36.91 5.29 -21.52
N GLU A 261 37.64 6.36 -21.21
CA GLU A 261 37.09 7.69 -21.44
C GLU A 261 36.93 8.00 -22.92
N ASP A 262 37.79 7.43 -23.77
CA ASP A 262 37.63 7.59 -25.21
C ASP A 262 36.67 6.58 -25.82
N THR A 263 36.16 5.61 -25.04
CA THR A 263 35.26 4.61 -25.60
C THR A 263 33.87 5.21 -25.78
N PRO A 264 33.29 5.17 -26.99
CA PRO A 264 31.94 5.70 -27.19
C PRO A 264 30.94 4.87 -26.40
N SER A 265 30.19 5.53 -25.52
CA SER A 265 29.26 4.81 -24.67
C SER A 265 27.96 5.58 -24.56
N VAL A 266 26.91 4.87 -24.14
CA VAL A 266 25.64 5.47 -23.76
C VAL A 266 25.30 4.97 -22.36
N SER A 267 24.38 5.68 -21.71
CA SER A 267 24.04 5.35 -20.34
C SER A 267 22.54 5.20 -20.15
N ASP A 268 22.18 4.43 -19.15
CA ASP A 268 20.81 4.36 -18.66
C ASP A 268 20.46 5.63 -17.89
N PRO A 269 19.47 6.41 -18.34
CA PRO A 269 19.10 7.61 -17.57
C PRO A 269 18.59 7.35 -16.15
N LEU A 270 18.01 6.18 -15.87
CA LEU A 270 17.52 5.94 -14.53
C LEU A 270 18.64 5.54 -13.57
N THR A 271 19.28 4.40 -13.84
CA THR A 271 20.29 3.90 -12.91
C THR A 271 21.68 4.47 -13.14
N GLY A 272 21.93 5.12 -14.27
CA GLY A 272 23.26 5.63 -14.55
C GLY A 272 24.30 4.59 -14.93
N SER A 273 23.92 3.34 -15.15
CA SER A 273 24.84 2.33 -15.64
C SER A 273 25.28 2.67 -17.08
N LYS A 274 26.45 2.15 -17.47
CA LYS A 274 27.03 2.51 -18.74
C LYS A 274 27.18 1.31 -19.67
N TYR A 275 27.09 1.58 -20.98
CA TYR A 275 27.09 0.53 -21.97
C TYR A 275 27.90 0.96 -23.19
N VAL A 276 28.47 -0.04 -23.87
CA VAL A 276 29.06 0.18 -25.19
C VAL A 276 27.96 0.63 -26.15
N ILE A 277 28.38 1.27 -27.24
CA ILE A 277 27.44 2.05 -28.04
C ILE A 277 26.40 1.15 -28.73
N THR A 278 26.74 -0.12 -29.01
CA THR A 278 25.79 -1.01 -29.66
C THR A 278 24.59 -1.36 -28.79
N GLU A 279 24.53 -0.92 -27.54
CA GLU A 279 23.39 -1.20 -26.67
C GLU A 279 22.37 -0.08 -26.66
N LYS A 280 22.64 1.04 -27.32
CA LYS A 280 21.67 2.14 -27.44
C LYS A 280 20.30 1.59 -27.85
N ASP A 281 19.24 2.10 -27.23
CA ASP A 281 17.85 1.75 -27.47
C ASP A 281 17.42 0.43 -26.85
N LYS A 282 18.33 -0.39 -26.33
CA LYS A 282 17.98 -1.59 -25.58
C LYS A 282 17.60 -1.24 -24.14
N ILE A 283 17.07 -2.23 -23.42
CA ILE A 283 16.61 -2.02 -22.05
C ILE A 283 17.76 -2.25 -21.09
N ASP A 284 17.84 -1.36 -20.10
CA ASP A 284 18.89 -1.42 -19.10
C ASP A 284 18.84 -2.75 -18.35
N ARG A 285 20.04 -3.34 -18.10
CA ARG A 285 20.14 -4.62 -17.40
C ARG A 285 20.01 -4.49 -15.89
N ILE A 286 20.30 -3.32 -15.35
CA ILE A 286 20.31 -3.14 -13.90
C ILE A 286 18.91 -3.27 -13.33
N ALA A 287 17.95 -2.55 -13.90
CA ALA A 287 16.60 -2.55 -13.37
C ALA A 287 15.55 -2.94 -14.40
N MET A 288 15.93 -3.01 -15.67
CA MET A 288 15.10 -3.63 -16.72
C MET A 288 13.78 -2.88 -16.95
N ILE A 289 13.78 -1.56 -16.78
CA ILE A 289 12.55 -0.82 -17.06
C ILE A 289 12.80 0.39 -17.97
N SER A 290 14.05 0.81 -18.13
CA SER A 290 14.31 2.03 -18.85
C SER A 290 15.22 1.80 -20.05
N LYS A 291 15.20 2.75 -20.97
CA LYS A 291 15.79 2.59 -22.29
C LYS A 291 17.19 3.21 -22.31
N ILE A 292 18.18 2.39 -22.69
CA ILE A 292 19.56 2.85 -22.71
C ILE A 292 19.73 3.95 -23.74
N GLY A 293 20.30 5.08 -23.29
CA GLY A 293 20.57 6.19 -24.17
C GLY A 293 19.41 7.13 -24.43
N ALA A 294 18.27 6.93 -23.78
CA ALA A 294 17.09 7.70 -24.12
C ALA A 294 17.19 9.11 -23.57
N PRO A 295 16.67 10.10 -24.30
CA PRO A 295 16.55 11.45 -23.73
C PRO A 295 15.70 11.39 -22.47
N ALA A 296 16.19 12.03 -21.40
CA ALA A 296 15.43 12.07 -20.15
C ALA A 296 15.78 13.34 -19.37
N SER A 297 14.78 13.87 -18.66
CA SER A 297 14.92 15.14 -17.95
C SER A 297 15.46 15.00 -16.53
N GLY A 298 15.45 13.79 -15.98
CA GLY A 298 16.03 13.46 -14.68
C GLY A 298 15.00 13.04 -13.65
N LEU A 299 15.37 12.06 -12.83
CA LEU A 299 14.52 11.58 -11.74
C LEU A 299 13.91 12.72 -10.92
N ARG A 300 12.61 12.61 -10.62
CA ARG A 300 11.87 13.60 -9.82
C ARG A 300 11.25 12.91 -8.62
N ILE A 301 11.72 13.26 -7.42
CA ILE A 301 11.20 12.64 -6.20
C ILE A 301 10.99 13.71 -5.12
N ARG A 302 11.33 14.97 -5.43
CA ARG A 302 11.27 16.06 -4.47
C ARG A 302 10.00 16.87 -4.69
N VAL A 303 9.14 16.92 -3.68
CA VAL A 303 7.85 17.56 -3.85
C VAL A 303 8.00 19.07 -3.92
N PRO B 14 -37.59 11.77 27.58
CA PRO B 14 -37.45 10.82 26.47
C PRO B 14 -36.69 9.57 26.90
N MET B 15 -35.60 9.26 26.18
CA MET B 15 -34.60 8.24 26.50
C MET B 15 -35.09 6.80 26.33
N ASP B 16 -36.32 6.58 25.83
CA ASP B 16 -36.83 5.22 25.71
C ASP B 16 -35.88 4.32 24.93
N TYR B 17 -35.28 4.85 23.86
CA TYR B 17 -34.47 4.06 22.96
C TYR B 17 -32.97 4.25 23.15
N PHE B 18 -32.55 5.02 24.16
CA PHE B 18 -31.15 5.43 24.26
C PHE B 18 -30.22 4.22 24.30
N ASN B 19 -30.57 3.20 25.07
CA ASN B 19 -29.64 2.10 25.28
C ASN B 19 -29.61 1.15 24.10
N ILE B 20 -30.80 0.91 23.51
CA ILE B 20 -30.89 0.17 22.25
C ILE B 20 -29.95 0.79 21.21
N LYS B 21 -30.17 2.08 20.91
CA LYS B 21 -29.39 2.72 19.86
C LYS B 21 -27.92 2.82 20.23
N GLN B 22 -27.62 3.13 21.48
CA GLN B 22 -26.23 3.22 21.90
C GLN B 22 -25.50 1.91 21.70
N ASN B 23 -26.15 0.78 21.97
CA ASN B 23 -25.46 -0.49 21.77
C ASN B 23 -25.45 -0.92 20.32
N TYR B 24 -26.45 -0.54 19.53
CA TYR B 24 -26.44 -0.89 18.12
C TYR B 24 -25.31 -0.17 17.39
N TYR B 25 -25.17 1.14 17.62
CA TYR B 25 -24.26 1.90 16.79
C TYR B 25 -22.81 1.63 17.14
N THR B 26 -22.54 1.12 18.35
CA THR B 26 -21.19 0.72 18.75
C THR B 26 -20.89 -0.74 18.42
N GLY B 27 -21.85 -1.47 17.85
CA GLY B 27 -21.64 -2.86 17.53
C GLY B 27 -21.86 -3.84 18.67
N ASN B 28 -22.46 -3.42 19.79
CA ASN B 28 -22.76 -4.36 20.89
C ASN B 28 -24.14 -4.97 20.67
N PHE B 29 -24.20 -5.91 19.72
CA PHE B 29 -25.47 -6.40 19.24
C PHE B 29 -26.16 -7.35 20.24
N VAL B 30 -25.40 -8.12 21.00
CA VAL B 30 -26.02 -8.96 22.03
C VAL B 30 -26.71 -8.08 23.09
N GLN B 31 -25.98 -7.10 23.61
CA GLN B 31 -26.58 -6.22 24.62
C GLN B 31 -27.69 -5.37 24.02
N CYS B 32 -27.60 -5.06 22.72
CA CYS B 32 -28.70 -4.39 22.05
C CYS B 32 -29.97 -5.24 22.08
N LEU B 33 -29.86 -6.51 21.68
CA LEU B 33 -31.01 -7.38 21.74
C LEU B 33 -31.58 -7.45 23.16
N GLN B 34 -30.70 -7.53 24.17
CA GLN B 34 -31.17 -7.51 25.57
C GLN B 34 -31.99 -6.25 25.86
N GLU B 35 -31.45 -5.08 25.49
CA GLU B 35 -32.16 -3.83 25.74
C GLU B 35 -33.51 -3.81 25.04
N ILE B 36 -33.59 -4.45 23.86
CA ILE B 36 -34.86 -4.54 23.15
C ILE B 36 -35.82 -5.47 23.88
N GLU B 37 -35.30 -6.60 24.39
CA GLU B 37 -36.14 -7.57 25.12
C GLU B 37 -36.74 -6.95 26.37
N LYS B 38 -36.11 -5.92 26.93
CA LYS B 38 -36.75 -5.27 28.07
C LYS B 38 -38.16 -4.76 27.74
N PHE B 39 -38.49 -4.55 26.47
CA PHE B 39 -39.84 -4.18 26.06
C PHE B 39 -40.65 -5.41 25.64
N SER B 40 -40.50 -6.51 26.40
CA SER B 40 -41.13 -7.78 26.04
C SER B 40 -42.61 -7.58 25.76
N LYS B 41 -43.05 -8.11 24.61
CA LYS B 41 -44.46 -8.07 24.22
C LYS B 41 -44.95 -6.65 23.97
N VAL B 42 -44.07 -5.80 23.46
CA VAL B 42 -44.42 -4.45 23.03
C VAL B 42 -43.71 -4.20 21.72
N THR B 43 -44.35 -3.46 20.82
CA THR B 43 -43.73 -3.21 19.53
C THR B 43 -44.19 -1.86 18.98
N ASP B 44 -43.21 -1.15 18.39
CA ASP B 44 -43.41 -0.01 17.53
C ASP B 44 -42.36 -0.09 16.42
N ASN B 45 -42.41 0.88 15.51
CA ASN B 45 -41.60 0.77 14.30
C ASN B 45 -40.10 0.90 14.59
N THR B 46 -39.72 1.67 15.61
CA THR B 46 -38.31 1.75 15.99
C THR B 46 -37.83 0.42 16.57
N LEU B 47 -38.61 -0.15 17.48
CA LEU B 47 -38.27 -1.46 18.04
C LEU B 47 -38.16 -2.50 16.94
N LEU B 48 -39.12 -2.53 16.02
CA LEU B 48 -39.08 -3.44 14.89
C LEU B 48 -37.79 -3.26 14.09
N PHE B 49 -37.50 -2.01 13.70
CA PHE B 49 -36.34 -1.68 12.89
C PHE B 49 -35.06 -2.18 13.54
N TYR B 50 -34.88 -1.88 14.82
CA TYR B 50 -33.64 -2.20 15.48
C TYR B 50 -33.54 -3.67 15.87
N LYS B 51 -34.65 -4.30 16.26
CA LYS B 51 -34.59 -5.73 16.52
C LYS B 51 -34.26 -6.50 15.26
N ALA B 52 -34.89 -6.12 14.12
CA ALA B 52 -34.58 -6.79 12.87
C ALA B 52 -33.11 -6.61 12.50
N LYS B 53 -32.59 -5.38 12.56
CA LYS B 53 -31.19 -5.15 12.19
C LYS B 53 -30.22 -5.82 13.16
N THR B 54 -30.58 -5.89 14.45
CA THR B 54 -29.70 -6.50 15.44
C THR B 54 -29.72 -8.02 15.30
N LEU B 55 -30.88 -8.60 15.02
CA LEU B 55 -30.92 -10.03 14.78
C LEU B 55 -30.16 -10.38 13.50
N LEU B 56 -30.27 -9.53 12.47
CA LEU B 56 -29.52 -9.75 11.25
C LEU B 56 -28.02 -9.70 11.52
N ALA B 57 -27.58 -8.73 12.31
CA ALA B 57 -26.14 -8.62 12.58
C ALA B 57 -25.61 -9.77 13.42
N LEU B 58 -26.47 -10.42 14.21
CA LEU B 58 -26.07 -11.56 15.02
C LEU B 58 -26.05 -12.86 14.22
N GLY B 59 -26.40 -12.83 12.94
CA GLY B 59 -26.51 -14.03 12.13
C GLY B 59 -27.72 -14.86 12.47
N GLN B 60 -28.75 -14.24 13.03
CA GLN B 60 -29.88 -14.96 13.58
C GLN B 60 -31.16 -14.27 13.21
N TYR B 61 -31.21 -13.73 12.00
CA TYR B 61 -32.40 -13.00 11.59
C TYR B 61 -33.60 -13.92 11.61
N GLN B 62 -34.76 -13.33 11.87
CA GLN B 62 -36.03 -14.03 11.81
C GLN B 62 -37.10 -12.98 11.65
N SER B 63 -38.14 -13.32 10.90
CA SER B 63 -39.16 -12.33 10.55
C SER B 63 -39.93 -11.90 11.79
N GLN B 64 -39.81 -10.62 12.15
CA GLN B 64 -40.40 -10.10 13.37
C GLN B 64 -41.89 -9.78 13.20
N ASP B 65 -42.24 -9.12 12.12
CA ASP B 65 -43.63 -8.68 11.89
C ASP B 65 -43.95 -8.82 10.40
N PRO B 66 -44.19 -10.05 9.94
CA PRO B 66 -44.62 -10.23 8.55
C PRO B 66 -45.91 -9.50 8.20
N THR B 67 -46.67 -9.05 9.21
CA THR B 67 -47.94 -8.39 8.94
C THR B 67 -47.75 -7.00 8.33
N SER B 68 -46.92 -6.17 8.96
CA SER B 68 -46.91 -4.74 8.72
C SER B 68 -46.05 -4.37 7.50
N LYS B 69 -46.16 -3.10 7.10
CA LYS B 69 -45.37 -2.61 5.98
C LYS B 69 -43.87 -2.78 6.26
N LEU B 70 -43.42 -2.21 7.39
CA LEU B 70 -41.99 -2.24 7.70
C LEU B 70 -41.47 -3.68 7.77
N GLY B 71 -42.27 -4.60 8.30
CA GLY B 71 -41.81 -5.97 8.42
C GLY B 71 -41.66 -6.65 7.07
N LYS B 72 -42.65 -6.47 6.20
CA LYS B 72 -42.54 -6.95 4.82
C LYS B 72 -41.28 -6.41 4.16
N VAL B 73 -41.06 -5.08 4.28
CA VAL B 73 -39.86 -4.48 3.72
C VAL B 73 -38.60 -5.12 4.29
N LEU B 74 -38.57 -5.34 5.61
CA LEU B 74 -37.38 -5.92 6.24
C LEU B 74 -37.11 -7.31 5.72
N ASP B 75 -38.15 -8.12 5.54
CA ASP B 75 -37.94 -9.49 5.04
C ASP B 75 -37.49 -9.47 3.59
N LEU B 76 -38.11 -8.61 2.77
CA LEU B 76 -37.62 -8.39 1.41
C LEU B 76 -36.15 -8.00 1.42
N TYR B 77 -35.74 -7.20 2.43
CA TYR B 77 -34.38 -6.70 2.50
C TYR B 77 -33.39 -7.80 2.85
N VAL B 78 -33.73 -8.61 3.86
CA VAL B 78 -32.88 -9.75 4.20
C VAL B 78 -32.80 -10.72 3.03
N GLN B 79 -33.92 -10.92 2.31
CA GLN B 79 -33.91 -11.76 1.12
C GLN B 79 -32.99 -11.18 0.05
N PHE B 80 -33.14 -9.88 -0.23
CA PHE B 80 -32.27 -9.21 -1.19
C PHE B 80 -30.81 -9.43 -0.84
N LEU B 81 -30.48 -9.40 0.45
CA LEU B 81 -29.08 -9.57 0.80
C LEU B 81 -28.51 -10.85 0.22
N ASP B 82 -29.34 -11.88 0.06
CA ASP B 82 -28.96 -13.15 -0.54
C ASP B 82 -29.09 -13.12 -2.06
N THR B 83 -30.24 -12.70 -2.57
CA THR B 83 -30.51 -12.81 -4.00
C THR B 83 -29.85 -11.69 -4.79
N LYS B 84 -29.61 -10.53 -4.16
CA LYS B 84 -29.08 -9.33 -4.79
C LYS B 84 -30.00 -8.84 -5.91
N ASN B 85 -31.30 -9.10 -5.79
CA ASN B 85 -32.29 -8.61 -6.73
C ASN B 85 -33.23 -7.67 -6.00
N ILE B 86 -33.41 -6.47 -6.55
CA ILE B 86 -34.12 -5.40 -5.86
C ILE B 86 -35.56 -5.26 -6.33
N GLU B 87 -35.99 -6.06 -7.31
CA GLU B 87 -37.24 -5.80 -7.99
C GLU B 87 -38.42 -5.88 -7.03
N GLU B 88 -38.42 -6.86 -6.14
CA GLU B 88 -39.50 -6.98 -5.16
C GLU B 88 -39.56 -5.77 -4.23
N LEU B 89 -38.42 -5.40 -3.66
CA LEU B 89 -38.34 -4.26 -2.74
C LEU B 89 -38.82 -2.98 -3.42
N GLU B 90 -38.30 -2.70 -4.63
CA GLU B 90 -38.70 -1.51 -5.38
C GLU B 90 -40.18 -1.53 -5.72
N ASN B 91 -40.69 -2.67 -6.20
CA ASN B 91 -42.08 -2.75 -6.61
C ASN B 91 -43.01 -2.63 -5.41
N LEU B 92 -42.54 -3.03 -4.23
CA LEU B 92 -43.34 -2.83 -3.02
C LEU B 92 -43.38 -1.38 -2.62
N LEU B 93 -42.26 -0.66 -2.77
CA LEU B 93 -42.26 0.75 -2.38
C LEU B 93 -42.61 1.70 -3.53
N LYS B 94 -42.71 1.19 -4.76
CA LYS B 94 -42.96 2.02 -5.93
C LYS B 94 -44.22 2.85 -5.75
N ASP B 95 -44.08 4.18 -5.90
CA ASP B 95 -45.14 5.17 -5.89
C ASP B 95 -45.82 5.33 -4.53
N LYS B 96 -45.39 4.62 -3.50
CA LYS B 96 -46.06 4.70 -2.21
C LYS B 96 -45.44 5.78 -1.34
N GLN B 97 -46.20 6.22 -0.35
CA GLN B 97 -45.68 7.12 0.69
C GLN B 97 -44.93 6.28 1.71
N ASN B 98 -43.59 6.30 1.62
CA ASN B 98 -42.76 5.42 2.41
C ASN B 98 -42.09 6.19 3.56
N SER B 99 -41.99 5.55 4.72
CA SER B 99 -41.41 6.15 5.91
C SER B 99 -39.89 6.14 5.84
N PRO B 100 -39.22 6.94 6.67
CA PRO B 100 -37.74 6.91 6.65
C PRO B 100 -37.13 5.54 6.89
N TYR B 101 -37.71 4.68 7.75
CA TYR B 101 -37.11 3.36 7.96
C TYR B 101 -37.15 2.52 6.67
N GLU B 102 -38.32 2.53 6.01
CA GLU B 102 -38.48 1.85 4.74
C GLU B 102 -37.47 2.36 3.71
N LEU B 103 -37.33 3.69 3.63
CA LEU B 103 -36.36 4.27 2.70
C LEU B 103 -34.94 3.88 3.09
N TYR B 104 -34.65 3.75 4.38
CA TYR B 104 -33.33 3.30 4.81
C TYR B 104 -32.99 1.98 4.15
N LEU B 105 -33.91 1.02 4.27
CA LEU B 105 -33.63 -0.30 3.70
C LEU B 105 -33.53 -0.26 2.18
N LEU B 106 -34.47 0.45 1.52
CA LEU B 106 -34.41 0.51 0.06
C LEU B 106 -33.12 1.18 -0.42
N ALA B 107 -32.68 2.24 0.25
CA ALA B 107 -31.49 2.95 -0.19
C ALA B 107 -30.23 2.17 0.12
N THR B 108 -30.21 1.43 1.24
CA THR B 108 -29.08 0.54 1.45
C THR B 108 -29.00 -0.49 0.33
N ALA B 109 -30.13 -1.05 -0.07
CA ALA B 109 -30.11 -2.02 -1.16
C ALA B 109 -29.58 -1.39 -2.44
N GLN B 110 -30.16 -0.24 -2.84
CA GLN B 110 -29.67 0.51 -3.98
C GLN B 110 -28.16 0.76 -3.91
N ALA B 111 -27.65 1.10 -2.72
CA ALA B 111 -26.23 1.39 -2.60
C ALA B 111 -25.40 0.12 -2.74
N ILE B 112 -25.91 -1.01 -2.23
CA ILE B 112 -25.20 -2.27 -2.36
C ILE B 112 -25.10 -2.69 -3.82
N LEU B 113 -26.13 -2.38 -4.61
CA LEU B 113 -26.07 -2.70 -6.04
C LEU B 113 -25.07 -1.84 -6.79
N GLY B 114 -24.52 -0.80 -6.18
CA GLY B 114 -23.60 0.11 -6.84
C GLY B 114 -24.24 1.38 -7.36
N ASP B 115 -25.53 1.58 -7.09
CA ASP B 115 -26.29 2.68 -7.65
C ASP B 115 -26.40 3.80 -6.61
N LEU B 116 -25.26 4.46 -6.41
CA LEU B 116 -25.11 5.37 -5.29
C LEU B 116 -25.89 6.68 -5.48
N ASP B 117 -26.02 7.15 -6.73
CA ASP B 117 -26.85 8.32 -7.02
C ASP B 117 -28.31 8.08 -6.63
N LYS B 118 -28.90 7.01 -7.17
CA LYS B 118 -30.28 6.68 -6.85
C LYS B 118 -30.46 6.49 -5.35
N SER B 119 -29.47 5.88 -4.70
CA SER B 119 -29.53 5.64 -3.26
C SER B 119 -29.60 6.96 -2.50
N LEU B 120 -28.72 7.91 -2.85
CA LEU B 120 -28.73 9.21 -2.18
C LEU B 120 -30.05 9.93 -2.40
N GLU B 121 -30.62 9.80 -3.60
CA GLU B 121 -31.92 10.42 -3.87
C GLU B 121 -33.04 9.78 -3.03
N THR B 122 -33.03 8.45 -2.92
CA THR B 122 -33.96 7.78 -2.02
C THR B 122 -33.85 8.35 -0.61
N CYS B 123 -32.62 8.51 -0.11
CA CYS B 123 -32.42 9.07 1.23
C CYS B 123 -32.98 10.49 1.33
N VAL B 124 -32.59 11.36 0.40
CA VAL B 124 -32.99 12.78 0.45
C VAL B 124 -34.52 12.91 0.41
N GLU B 125 -35.20 11.99 -0.28
CA GLU B 125 -36.65 11.92 -0.24
C GLU B 125 -37.21 12.05 1.18
N GLY B 126 -36.67 11.28 2.12
CA GLY B 126 -37.23 11.21 3.46
C GLY B 126 -36.65 12.09 4.54
N ILE B 127 -35.89 13.14 4.21
CA ILE B 127 -35.20 13.96 5.20
C ILE B 127 -35.91 15.27 5.50
N ASP B 128 -37.08 15.51 4.88
CA ASP B 128 -37.86 16.72 5.16
C ASP B 128 -37.89 17.09 6.64
N ASN B 129 -38.69 16.34 7.39
CA ASN B 129 -39.06 16.66 8.76
C ASN B 129 -38.19 15.90 9.75
N ASP B 130 -37.46 16.65 10.60
CA ASP B 130 -36.52 16.07 11.56
C ASP B 130 -37.19 15.56 12.83
N GLU B 131 -38.48 15.82 13.00
CA GLU B 131 -39.25 15.30 14.13
C GLU B 131 -40.00 14.03 13.78
N ALA B 132 -39.84 13.52 12.55
CA ALA B 132 -40.47 12.28 12.12
C ALA B 132 -39.59 11.09 12.43
N GLU B 133 -40.22 9.98 12.82
CA GLU B 133 -39.52 8.77 13.24
C GLU B 133 -38.60 8.26 12.13
N GLY B 134 -37.37 7.89 12.51
CA GLY B 134 -36.39 7.34 11.59
C GLY B 134 -35.63 8.36 10.75
N THR B 135 -35.96 9.65 10.84
CA THR B 135 -35.35 10.63 9.94
C THR B 135 -33.85 10.74 10.20
N THR B 136 -33.44 10.83 11.48
CA THR B 136 -32.02 10.90 11.81
C THR B 136 -31.26 9.70 11.25
N GLU B 137 -31.82 8.49 11.41
CA GLU B 137 -31.23 7.29 10.81
C GLU B 137 -30.99 7.50 9.32
N LEU B 138 -32.00 7.98 8.61
CA LEU B 138 -31.91 8.16 7.17
C LEU B 138 -30.89 9.25 6.81
N LEU B 139 -30.75 10.27 7.66
CA LEU B 139 -29.73 11.29 7.44
C LEU B 139 -28.33 10.69 7.51
N LEU B 140 -28.09 9.87 8.54
CA LEU B 140 -26.82 9.16 8.62
C LEU B 140 -26.57 8.37 7.35
N LEU B 141 -27.59 7.64 6.88
CA LEU B 141 -27.41 6.84 5.67
C LEU B 141 -27.11 7.73 4.47
N ALA B 142 -27.82 8.86 4.34
CA ALA B 142 -27.51 9.82 3.29
C ALA B 142 -26.05 10.20 3.30
N ILE B 143 -25.53 10.52 4.49
CA ILE B 143 -24.12 10.87 4.62
C ILE B 143 -23.24 9.73 4.12
N GLU B 144 -23.50 8.52 4.60
CA GLU B 144 -22.63 7.39 4.25
C GLU B 144 -22.65 7.15 2.75
N VAL B 145 -23.84 7.22 2.16
CA VAL B 145 -24.04 6.92 0.76
C VAL B 145 -23.40 7.99 -0.11
N ALA B 146 -23.46 9.24 0.34
CA ALA B 146 -22.75 10.29 -0.38
C ALA B 146 -21.23 10.10 -0.29
N LEU B 147 -20.72 9.76 0.90
CA LEU B 147 -19.27 9.57 1.03
C LEU B 147 -18.80 8.39 0.18
N LEU B 148 -19.57 7.30 0.13
CA LEU B 148 -19.23 6.17 -0.73
C LEU B 148 -19.04 6.59 -2.18
N ASN B 149 -19.84 7.54 -2.66
CA ASN B 149 -19.79 8.00 -4.04
C ASN B 149 -18.76 9.10 -4.25
N ASN B 150 -17.89 9.32 -3.26
CA ASN B 150 -16.83 10.34 -3.28
C ASN B 150 -17.40 11.75 -3.44
N ASN B 151 -18.65 11.93 -3.01
CA ASN B 151 -19.32 13.23 -3.05
C ASN B 151 -19.30 13.87 -1.65
N VAL B 152 -18.10 14.25 -1.24
CA VAL B 152 -17.84 14.72 0.11
C VAL B 152 -18.45 16.11 0.36
N SER B 153 -18.41 16.99 -0.64
CA SER B 153 -19.02 18.30 -0.45
C SER B 153 -20.53 18.15 -0.19
N THR B 154 -21.22 17.33 -0.99
CA THR B 154 -22.64 17.10 -0.75
C THR B 154 -22.90 16.52 0.64
N ALA B 155 -22.08 15.55 1.06
CA ALA B 155 -22.25 14.97 2.40
C ALA B 155 -22.16 16.05 3.49
N SER B 156 -21.12 16.89 3.42
CA SER B 156 -20.97 18.00 4.37
C SER B 156 -22.15 18.94 4.33
N THR B 157 -22.59 19.32 3.14
CA THR B 157 -23.71 20.24 3.01
C THR B 157 -24.99 19.65 3.61
N ILE B 158 -25.28 18.39 3.30
CA ILE B 158 -26.45 17.72 3.85
C ILE B 158 -26.40 17.75 5.37
N PHE B 159 -25.27 17.34 5.93
CA PHE B 159 -25.11 17.29 7.38
C PHE B 159 -25.23 18.68 8.01
N ASP B 160 -24.50 19.66 7.46
CA ASP B 160 -24.50 21.01 8.01
C ASP B 160 -25.89 21.61 7.95
N ASN B 161 -26.58 21.47 6.82
CA ASN B 161 -27.90 22.08 6.71
C ASN B 161 -28.89 21.40 7.65
N TYR B 162 -28.83 20.08 7.77
CA TYR B 162 -29.77 19.38 8.64
C TYR B 162 -29.53 19.77 10.10
N THR B 163 -28.27 19.76 10.53
CA THR B 163 -27.97 19.94 11.94
C THR B 163 -28.09 21.40 12.38
N ASN B 164 -27.66 22.35 11.53
CA ASN B 164 -27.88 23.75 11.86
C ASN B 164 -29.36 24.08 11.95
N ALA B 165 -30.18 23.44 11.12
CA ALA B 165 -31.63 23.65 11.12
C ALA B 165 -32.32 23.18 12.41
N ILE B 166 -31.55 22.61 13.35
CA ILE B 166 -32.07 22.18 14.65
C ILE B 166 -31.66 23.19 15.73
N VAL B 170 -32.46 18.26 19.73
CA VAL B 170 -31.81 16.99 19.38
C VAL B 170 -32.04 15.96 20.48
N SER B 171 -32.85 14.94 20.20
CA SER B 171 -33.18 13.93 21.21
C SER B 171 -31.93 13.21 21.70
N GLY B 172 -31.99 12.74 22.95
CA GLY B 172 -30.83 12.14 23.58
C GLY B 172 -30.25 10.98 22.79
N ASP B 173 -31.11 10.20 22.14
CA ASP B 173 -30.64 9.00 21.46
C ASP B 173 -30.22 9.22 20.02
N ASN B 174 -30.75 10.26 19.36
CA ASN B 174 -30.29 10.61 18.01
C ASN B 174 -28.94 11.32 18.03
N GLU B 175 -28.54 11.83 19.19
CA GLU B 175 -27.25 12.51 19.33
C GLU B 175 -26.11 11.63 18.82
N MET B 176 -26.09 10.37 19.26
CA MET B 176 -25.03 9.46 18.83
C MET B 176 -25.07 9.22 17.33
N ILE B 177 -26.27 9.17 16.73
CA ILE B 177 -26.37 8.94 15.29
C ILE B 177 -25.72 10.10 14.52
N LEU B 178 -26.07 11.33 14.92
CA LEU B 178 -25.48 12.50 14.27
C LEU B 178 -23.96 12.56 14.48
N ASN B 179 -23.49 12.16 15.67
CA ASN B 179 -22.05 12.10 15.88
C ASN B 179 -21.40 11.06 14.97
N LEU B 180 -22.05 9.91 14.79
CA LEU B 180 -21.53 8.88 13.91
C LEU B 180 -21.40 9.41 12.49
N ALA B 181 -22.47 10.04 11.98
CA ALA B 181 -22.44 10.62 10.64
C ALA B 181 -21.30 11.62 10.51
N GLU B 182 -21.21 12.55 11.47
CA GLU B 182 -20.16 13.55 11.44
C GLU B 182 -18.80 12.91 11.44
N SER B 183 -18.62 11.83 12.22
CA SER B 183 -17.33 11.17 12.29
C SER B 183 -16.95 10.53 10.96
N TYR B 184 -17.93 9.95 10.24
CA TYR B 184 -17.64 9.48 8.88
C TYR B 184 -17.19 10.63 7.97
N ILE B 185 -17.83 11.80 8.09
CA ILE B 185 -17.39 12.94 7.29
C ILE B 185 -15.95 13.31 7.64
N LYS B 186 -15.62 13.34 8.92
CA LYS B 186 -14.30 13.80 9.34
C LYS B 186 -13.23 12.80 8.97
N PHE B 187 -13.60 11.52 8.93
CA PHE B 187 -12.73 10.48 8.41
C PHE B 187 -12.44 10.71 6.93
N ALA B 188 -13.49 10.99 6.15
CA ALA B 188 -13.28 11.15 4.71
C ALA B 188 -12.51 12.43 4.38
N THR B 189 -12.48 13.41 5.29
CA THR B 189 -11.89 14.71 5.02
C THR B 189 -10.59 14.95 5.79
N ASN B 190 -10.12 13.95 6.54
CA ASN B 190 -8.96 14.11 7.43
C ASN B 190 -9.11 15.33 8.31
N LYS B 191 -10.30 15.53 8.85
CA LYS B 191 -10.57 16.72 9.64
C LYS B 191 -10.35 16.39 11.10
N GLU B 192 -9.39 17.07 11.72
CA GLU B 192 -9.04 16.86 13.13
C GLU B 192 -8.83 15.38 13.41
N THR B 193 -8.19 14.70 12.45
CA THR B 193 -7.79 13.31 12.59
C THR B 193 -7.06 13.06 13.92
N ALA B 194 -6.15 13.95 14.32
CA ALA B 194 -5.34 13.76 15.51
C ALA B 194 -5.95 14.35 16.78
N THR B 195 -7.02 15.15 16.68
CA THR B 195 -7.61 15.76 17.86
C THR B 195 -9.01 15.22 18.03
N SER B 196 -10.07 15.95 17.66
CA SER B 196 -11.43 15.62 18.08
C SER B 196 -11.88 14.26 17.52
N ASN B 197 -11.58 13.96 16.25
CA ASN B 197 -12.04 12.70 15.66
C ASN B 197 -11.40 11.51 16.36
N PHE B 198 -10.08 11.56 16.56
CA PHE B 198 -9.40 10.47 17.25
C PHE B 198 -9.96 10.28 18.66
N TYR B 199 -10.16 11.38 19.40
CA TYR B 199 -10.73 11.29 20.74
C TYR B 199 -12.09 10.60 20.71
N TYR B 200 -12.92 10.94 19.73
CA TYR B 200 -14.23 10.29 19.59
C TYR B 200 -14.06 8.78 19.44
N TYR B 201 -13.22 8.35 18.50
CA TYR B 201 -13.08 6.92 18.23
C TYR B 201 -12.48 6.18 19.43
N GLU B 202 -11.51 6.80 20.11
CA GLU B 202 -10.82 6.13 21.21
C GLU B 202 -11.72 6.02 22.44
N GLU B 203 -12.39 7.11 22.80
CA GLU B 203 -13.41 7.06 23.82
C GLU B 203 -14.41 5.94 23.56
N LEU B 204 -14.92 5.83 22.32
CA LEU B 204 -15.87 4.76 22.05
C LEU B 204 -15.23 3.38 22.20
N SER B 205 -13.96 3.25 21.80
CA SER B 205 -13.30 1.96 21.94
C SER B 205 -13.11 1.59 23.40
N GLN B 206 -12.96 2.59 24.26
CA GLN B 206 -12.77 2.34 25.69
C GLN B 206 -14.09 2.08 26.40
N THR B 207 -15.13 2.86 26.10
CA THR B 207 -16.40 2.71 26.79
C THR B 207 -17.17 1.50 26.24
N PHE B 208 -17.11 1.29 24.92
CA PHE B 208 -17.84 0.20 24.27
C PHE B 208 -16.87 -0.64 23.45
N PRO B 209 -15.95 -1.34 24.11
CA PRO B 209 -14.96 -2.13 23.36
C PRO B 209 -15.58 -3.26 22.55
N THR B 210 -15.65 -3.09 21.23
CA THR B 210 -16.13 -4.11 20.31
C THR B 210 -15.23 -4.15 19.10
N TRP B 211 -15.52 -5.07 18.19
CA TRP B 211 -14.84 -5.10 16.90
C TRP B 211 -14.99 -3.78 16.17
N LYS B 212 -16.19 -3.19 16.22
CA LYS B 212 -16.48 -1.98 15.44
C LYS B 212 -15.67 -0.79 15.93
N THR B 213 -15.77 -0.48 17.23
CA THR B 213 -15.03 0.63 17.80
C THR B 213 -13.53 0.41 17.71
N GLN B 214 -13.09 -0.86 17.79
CA GLN B 214 -11.67 -1.16 17.72
C GLN B 214 -11.13 -0.91 16.30
N LEU B 215 -11.88 -1.32 15.27
CA LEU B 215 -11.45 -1.04 13.90
C LEU B 215 -11.53 0.44 13.57
N GLY B 216 -12.49 1.17 14.17
CA GLY B 216 -12.51 2.61 13.98
C GLY B 216 -11.27 3.29 14.51
N LEU B 217 -10.90 2.95 15.76
CA LEU B 217 -9.65 3.44 16.33
C LEU B 217 -8.44 3.04 15.49
N LEU B 218 -8.45 1.81 14.96
CA LEU B 218 -7.33 1.35 14.14
C LEU B 218 -7.19 2.22 12.88
N ASN B 219 -8.30 2.48 12.20
CA ASN B 219 -8.29 3.36 11.04
C ASN B 219 -7.74 4.74 11.41
N LEU B 220 -8.12 5.26 12.58
CA LEU B 220 -7.62 6.58 12.97
C LEU B 220 -6.11 6.56 13.25
N HIS B 221 -5.60 5.47 13.84
CA HIS B 221 -4.15 5.36 13.98
C HIS B 221 -3.46 5.27 12.62
N LEU B 222 -4.03 4.52 11.68
CA LEU B 222 -3.42 4.40 10.36
C LEU B 222 -3.38 5.76 9.65
N GLN B 223 -4.43 6.57 9.79
CA GLN B 223 -4.44 7.89 9.17
C GLN B 223 -3.36 8.79 9.75
N GLN B 224 -2.95 8.53 10.98
CA GLN B 224 -1.93 9.30 11.68
C GLN B 224 -0.52 8.76 11.47
N ARG B 225 -0.36 7.66 10.72
CA ARG B 225 0.93 7.01 10.53
C ARG B 225 1.48 6.42 11.82
N ASN B 226 0.64 6.14 12.82
CA ASN B 226 1.08 5.54 14.09
C ASN B 226 1.16 4.03 13.92
N ILE B 227 2.27 3.58 13.34
CA ILE B 227 2.44 2.17 13.05
C ILE B 227 2.37 1.33 14.31
N ALA B 228 3.05 1.78 15.38
CA ALA B 228 3.09 0.98 16.60
C ALA B 228 1.70 0.79 17.20
N GLU B 229 0.92 1.87 17.31
CA GLU B 229 -0.42 1.76 17.91
C GLU B 229 -1.35 0.93 17.03
N ALA B 230 -1.33 1.16 15.72
CA ALA B 230 -2.08 0.32 14.80
C ALA B 230 -1.76 -1.15 15.02
N GLN B 231 -0.46 -1.48 15.09
CA GLN B 231 -0.07 -2.87 15.27
C GLN B 231 -0.49 -3.39 16.64
N GLY B 232 -0.46 -2.53 17.66
CA GLY B 232 -0.97 -2.93 18.97
C GLY B 232 -2.43 -3.36 18.90
N ILE B 233 -3.26 -2.58 18.20
CA ILE B 233 -4.68 -2.92 18.10
C ILE B 233 -4.89 -4.14 17.22
N VAL B 234 -4.08 -4.32 16.18
CA VAL B 234 -4.18 -5.54 15.38
C VAL B 234 -3.90 -6.77 16.25
N GLU B 235 -2.81 -6.71 17.04
CA GLU B 235 -2.50 -7.81 17.94
C GLU B 235 -3.64 -8.05 18.93
N LEU B 236 -4.22 -6.96 19.45
CA LEU B 236 -5.34 -7.11 20.38
C LEU B 236 -6.53 -7.82 19.74
N LEU B 237 -6.90 -7.40 18.54
CA LEU B 237 -8.01 -8.07 17.85
C LEU B 237 -7.66 -9.52 17.51
N LEU B 238 -6.37 -9.82 17.30
CA LEU B 238 -5.98 -11.19 17.02
C LEU B 238 -5.99 -12.08 18.25
N SER B 239 -6.07 -11.49 19.45
CA SER B 239 -6.02 -12.23 20.70
C SER B 239 -7.29 -13.10 20.83
N ASP B 240 -7.50 -13.63 22.03
CA ASP B 240 -8.57 -14.59 22.25
C ASP B 240 -9.89 -13.95 22.64
N TYR B 241 -9.86 -12.79 23.33
CA TYR B 241 -11.10 -12.15 23.72
C TYR B 241 -11.90 -11.68 22.51
N TYR B 242 -11.24 -11.39 21.39
CA TYR B 242 -11.95 -10.94 20.20
C TYR B 242 -12.10 -12.04 19.15
N SER B 243 -11.05 -12.80 18.88
CA SER B 243 -11.09 -13.76 17.79
C SER B 243 -11.70 -15.10 18.19
N VAL B 244 -11.84 -15.36 19.49
CA VAL B 244 -12.44 -16.61 19.96
C VAL B 244 -13.71 -16.30 20.73
N GLU B 245 -13.60 -15.52 21.80
CA GLU B 245 -14.77 -15.20 22.62
C GLU B 245 -15.82 -14.41 21.84
N GLN B 246 -15.39 -13.58 20.88
CA GLN B 246 -16.32 -12.82 20.05
C GLN B 246 -16.37 -13.35 18.63
N LYS B 247 -16.22 -14.68 18.45
CA LYS B 247 -16.24 -15.29 17.13
C LYS B 247 -17.50 -14.93 16.35
N GLU B 248 -18.55 -14.51 17.05
CA GLU B 248 -19.78 -14.09 16.39
C GLU B 248 -19.56 -12.92 15.45
N ASN B 249 -19.34 -11.71 15.97
CA ASN B 249 -19.21 -10.59 15.03
C ASN B 249 -17.77 -10.38 14.54
N ALA B 250 -16.81 -11.15 15.08
CA ALA B 250 -15.53 -11.26 14.38
C ALA B 250 -15.74 -11.63 12.93
N VAL B 251 -16.67 -12.55 12.64
CA VAL B 251 -16.93 -12.95 11.26
C VAL B 251 -17.46 -11.76 10.47
N LEU B 252 -18.37 -11.00 11.07
CA LEU B 252 -18.97 -9.87 10.37
C LEU B 252 -17.91 -8.84 9.96
N TYR B 253 -16.94 -8.58 10.84
CA TYR B 253 -15.96 -7.53 10.59
C TYR B 253 -14.63 -8.04 10.03
N LYS B 254 -14.50 -9.34 9.79
CA LYS B 254 -13.24 -9.90 9.30
C LYS B 254 -12.75 -9.30 7.99
N PRO B 255 -13.59 -9.13 6.95
CA PRO B 255 -13.05 -8.56 5.70
C PRO B 255 -12.42 -7.18 5.89
N THR B 256 -13.07 -6.30 6.65
CA THR B 256 -12.46 -4.98 6.86
C THR B 256 -11.21 -5.10 7.73
N PHE B 257 -11.20 -6.04 8.68
CA PHE B 257 -9.99 -6.33 9.44
C PHE B 257 -8.83 -6.67 8.51
N LEU B 258 -9.10 -7.52 7.52
CA LEU B 258 -8.07 -7.92 6.57
C LEU B 258 -7.58 -6.73 5.74
N ALA B 259 -8.52 -5.91 5.26
CA ALA B 259 -8.12 -4.71 4.51
C ALA B 259 -7.21 -3.81 5.35
N ASN B 260 -7.58 -3.59 6.63
CA ASN B 260 -6.79 -2.72 7.48
C ASN B 260 -5.37 -3.28 7.66
N GLN B 261 -5.27 -4.59 7.93
CA GLN B 261 -3.97 -5.21 8.06
C GLN B 261 -3.15 -4.99 6.79
N ILE B 262 -3.81 -5.05 5.64
CA ILE B 262 -3.10 -4.82 4.39
C ILE B 262 -2.50 -3.42 4.35
N THR B 263 -3.28 -2.39 4.73
CA THR B 263 -2.71 -1.04 4.66
C THR B 263 -1.58 -0.86 5.67
N LEU B 264 -1.70 -1.45 6.85
CA LEU B 264 -0.61 -1.39 7.82
C LEU B 264 0.67 -2.05 7.29
N ALA B 265 0.54 -3.25 6.72
CA ALA B 265 1.69 -3.92 6.14
C ALA B 265 2.32 -3.08 5.04
N LEU B 266 1.48 -2.56 4.13
CA LEU B 266 2.00 -1.71 3.06
C LEU B 266 2.73 -0.50 3.62
N MET B 267 2.22 0.07 4.72
CA MET B 267 2.89 1.20 5.35
C MET B 267 4.27 0.82 5.85
N GLN B 268 4.44 -0.46 6.23
CA GLN B 268 5.73 -0.95 6.72
C GLN B 268 6.66 -1.50 5.63
N GLY B 269 6.19 -1.66 4.39
CA GLY B 269 6.98 -2.29 3.34
C GLY B 269 6.90 -3.80 3.28
N LEU B 270 5.97 -4.40 4.02
CA LEU B 270 5.85 -5.85 4.13
C LEU B 270 4.95 -6.41 3.02
N ASP B 271 5.03 -7.72 2.82
CA ASP B 271 4.26 -8.37 1.77
C ASP B 271 2.80 -8.49 2.18
N THR B 272 1.91 -8.36 1.19
CA THR B 272 0.46 -8.41 1.42
C THR B 272 -0.22 -9.49 0.57
N GLU B 273 0.55 -10.44 0.03
CA GLU B 273 -0.05 -11.42 -0.89
C GLU B 273 -1.00 -12.34 -0.15
N ASP B 274 -0.54 -12.89 0.98
CA ASP B 274 -1.38 -13.77 1.77
C ASP B 274 -2.65 -13.06 2.23
N LEU B 275 -2.50 -11.84 2.76
CA LEU B 275 -3.66 -11.11 3.26
C LEU B 275 -4.66 -10.82 2.14
N THR B 276 -4.15 -10.36 0.99
CA THR B 276 -5.03 -10.06 -0.13
C THR B 276 -5.77 -11.31 -0.56
N ASN B 277 -5.11 -12.48 -0.52
CA ASN B 277 -5.76 -13.71 -0.93
C ASN B 277 -6.84 -14.13 0.05
N GLN B 278 -6.56 -14.05 1.36
CA GLN B 278 -7.60 -14.33 2.33
C GLN B 278 -8.81 -13.45 2.10
N LEU B 279 -8.59 -12.15 1.99
CA LEU B 279 -9.71 -11.22 1.84
C LEU B 279 -10.47 -11.51 0.56
N VAL B 280 -9.77 -11.81 -0.53
CA VAL B 280 -10.50 -11.99 -1.78
C VAL B 280 -11.29 -13.29 -1.76
N LYS B 281 -10.84 -14.28 -0.98
CA LYS B 281 -11.64 -15.48 -0.82
C LYS B 281 -12.85 -15.23 0.04
N LEU B 282 -12.66 -14.49 1.12
CA LEU B 282 -13.71 -14.30 2.13
C LEU B 282 -14.81 -13.34 1.68
N ASP B 283 -14.44 -12.29 0.92
CA ASP B 283 -15.41 -11.27 0.56
C ASP B 283 -14.94 -10.53 -0.69
N HIS B 284 -15.07 -11.19 -1.84
CA HIS B 284 -14.56 -10.64 -3.09
C HIS B 284 -15.28 -9.37 -3.51
N GLU B 285 -16.33 -8.99 -2.80
CA GLU B 285 -17.01 -7.73 -3.06
C GLU B 285 -16.64 -6.63 -2.07
N HIS B 286 -15.69 -6.88 -1.17
CA HIS B 286 -15.23 -5.80 -0.29
C HIS B 286 -14.70 -4.62 -1.10
N ALA B 287 -14.88 -3.42 -0.57
CA ALA B 287 -14.41 -2.20 -1.22
C ALA B 287 -12.93 -2.29 -1.62
N PHE B 288 -12.10 -2.86 -0.73
CA PHE B 288 -10.68 -3.01 -1.03
C PHE B 288 -10.47 -3.81 -2.31
N ILE B 289 -11.26 -4.88 -2.51
CA ILE B 289 -11.07 -5.75 -3.67
C ILE B 289 -11.57 -5.07 -4.95
N LYS B 290 -12.64 -4.27 -4.86
CA LYS B 290 -13.05 -3.49 -6.01
C LYS B 290 -11.93 -2.57 -6.46
N HIS B 291 -11.38 -1.77 -5.53
CA HIS B 291 -10.26 -0.91 -5.86
C HIS B 291 -9.09 -1.71 -6.43
N HIS B 292 -8.80 -2.86 -5.81
CA HIS B 292 -7.66 -3.69 -6.18
C HIS B 292 -7.77 -4.21 -7.61
N GLN B 293 -8.91 -4.82 -7.95
CA GLN B 293 -9.13 -5.29 -9.31
C GLN B 293 -9.13 -4.15 -10.31
N GLU B 294 -9.67 -2.98 -9.91
CA GLU B 294 -9.71 -1.86 -10.84
C GLU B 294 -8.31 -1.36 -11.17
N ILE B 295 -7.45 -1.21 -10.17
CA ILE B 295 -6.11 -0.70 -10.47
C ILE B 295 -5.28 -1.78 -11.18
N ASP B 296 -5.54 -3.05 -10.87
CA ASP B 296 -4.90 -4.13 -11.59
C ASP B 296 -5.20 -4.04 -13.09
N ALA B 297 -6.47 -3.91 -13.44
CA ALA B 297 -6.85 -3.83 -14.84
C ALA B 297 -6.34 -2.53 -15.48
N LYS B 298 -6.41 -1.43 -14.74
CA LYS B 298 -5.90 -0.15 -15.24
C LYS B 298 -4.44 -0.28 -15.66
N PHE B 299 -3.64 -0.93 -14.81
CA PHE B 299 -2.21 -1.01 -15.08
C PHE B 299 -1.92 -1.98 -16.22
N ASP B 300 -2.54 -3.18 -16.21
CA ASP B 300 -2.37 -4.12 -17.32
C ASP B 300 -2.78 -3.49 -18.65
N GLU B 301 -3.79 -2.63 -18.62
CA GLU B 301 -4.22 -1.96 -19.84
C GLU B 301 -3.17 -0.96 -20.30
N LEU B 302 -2.57 -0.21 -19.37
CA LEU B 302 -1.46 0.67 -19.75
C LEU B 302 -0.31 -0.14 -20.36
N VAL B 303 0.05 -1.26 -19.71
CA VAL B 303 1.11 -2.12 -20.22
C VAL B 303 0.84 -2.48 -21.67
N ARG B 304 -0.41 -2.89 -21.96
CA ARG B 304 -0.77 -3.25 -23.32
C ARG B 304 -0.71 -2.05 -24.25
N LYS B 305 -1.25 -0.90 -23.82
CA LYS B 305 -1.34 0.27 -24.67
C LYS B 305 0.02 0.80 -25.09
N TYR B 306 1.04 0.63 -24.25
CA TYR B 306 2.35 1.13 -24.62
C TYR B 306 3.34 0.01 -24.94
N ASP B 307 3.02 -0.84 -25.92
CA ASP B 307 3.93 -1.93 -26.28
C ASP B 307 4.22 -2.02 -27.78
#